data_1COZ
#
_entry.id   1COZ
#
_cell.length_a   44.500
_cell.length_b   61.400
_cell.length_c   56.400
_cell.angle_alpha   90.00
_cell.angle_beta   113.10
_cell.angle_gamma   90.00
#
_symmetry.space_group_name_H-M   'P 1 21 1'
#
loop_
_entity.id
_entity.type
_entity.pdbx_description
1 polymer 'PROTEIN (GLYCEROL-3-PHOSPHATE CYTIDYLYLTRANSFERASE)'
2 non-polymer "CYTIDINE-5'-TRIPHOSPHATE"
3 water water
#
_entity_poly.entity_id   1
_entity_poly.type   'polypeptide(L)'
_entity_poly.pdbx_seq_one_letter_code
;MKKVITYGTFDLLHWGHIKLLERAKQLGDYLVVAISTDEFNLQKQKKAYHSYEHRKLILETIRYVDEVIPEKNWEQKKQD
IIDHNIDVFVMGDDWEGKFDFLKDQCEVVYLPRTEGISTTKIKEEIAGL
;
_entity_poly.pdbx_strand_id   A,B
#
# COMPACT_ATOMS: atom_id res chain seq x y z
N MET A 1 -5.42 26.61 -2.81
CA MET A 1 -5.26 25.14 -2.75
C MET A 1 -6.57 24.44 -2.35
N LYS A 2 -7.04 23.55 -3.20
CA LYS A 2 -8.28 22.81 -2.95
C LYS A 2 -8.00 21.53 -2.13
N LYS A 3 -8.33 21.57 -0.84
CA LYS A 3 -8.12 20.45 0.04
C LYS A 3 -9.30 19.48 0.11
N VAL A 4 -8.97 18.19 0.12
CA VAL A 4 -9.96 17.11 0.15
C VAL A 4 -9.76 16.27 1.41
N ILE A 5 -10.82 15.73 1.97
CA ILE A 5 -10.69 14.86 3.16
C ILE A 5 -11.58 13.63 2.95
N THR A 6 -11.20 12.52 3.55
CA THR A 6 -11.96 11.28 3.48
C THR A 6 -11.63 10.49 4.75
N TYR A 7 -12.58 9.67 5.21
CA TYR A 7 -12.41 8.89 6.43
C TYR A 7 -12.54 7.40 6.19
N GLY A 8 -11.81 6.61 6.98
CA GLY A 8 -11.87 5.17 6.81
C GLY A 8 -10.92 4.46 7.72
N THR A 9 -10.87 3.14 7.60
CA THR A 9 -9.97 2.33 8.44
C THR A 9 -8.71 1.94 7.66
N PHE A 10 -8.91 1.58 6.40
CA PHE A 10 -7.80 1.20 5.51
C PHE A 10 -6.92 0.16 6.20
N ASP A 11 -7.51 -0.94 6.63
CA ASP A 11 -6.77 -1.98 7.34
C ASP A 11 -5.91 -2.91 6.48
N LEU A 12 -6.52 -3.68 5.59
CA LEU A 12 -5.74 -4.57 4.74
C LEU A 12 -5.87 -3.92 3.36
N LEU A 13 -4.99 -2.95 3.12
CA LEU A 13 -4.99 -2.15 1.88
C LEU A 13 -5.16 -2.98 0.62
N HIS A 14 -6.22 -2.67 -0.13
CA HIS A 14 -6.52 -3.38 -1.37
C HIS A 14 -6.81 -2.39 -2.49
N TRP A 15 -6.99 -2.89 -3.71
CA TRP A 15 -7.26 -2.07 -4.88
C TRP A 15 -8.52 -1.20 -4.80
N GLY A 16 -9.49 -1.58 -3.96
CA GLY A 16 -10.70 -0.77 -3.82
C GLY A 16 -10.32 0.51 -3.08
N HIS A 17 -9.48 0.37 -2.05
CA HIS A 17 -9.02 1.52 -1.29
C HIS A 17 -8.23 2.45 -2.22
N ILE A 18 -7.38 1.87 -3.06
CA ILE A 18 -6.52 2.62 -4.00
C ILE A 18 -7.34 3.45 -4.97
N LYS A 19 -8.37 2.84 -5.54
CA LYS A 19 -9.25 3.53 -6.48
C LYS A 19 -10.02 4.67 -5.82
N LEU A 20 -10.32 4.51 -4.53
CA LEU A 20 -11.04 5.55 -3.81
C LEU A 20 -10.07 6.71 -3.65
N LEU A 21 -8.86 6.41 -3.17
CA LEU A 21 -7.83 7.43 -2.95
C LEU A 21 -7.46 8.16 -4.25
N GLU A 22 -7.46 7.43 -5.34
CA GLU A 22 -7.15 7.99 -6.64
C GLU A 22 -8.22 9.01 -7.03
N ARG A 23 -9.47 8.60 -6.97
CA ARG A 23 -10.56 9.47 -7.32
C ARG A 23 -10.73 10.64 -6.36
N ALA A 24 -10.48 10.43 -5.07
CA ALA A 24 -10.60 11.53 -4.11
C ALA A 24 -9.55 12.62 -4.42
N LYS A 25 -8.31 12.18 -4.64
CA LYS A 25 -7.24 13.10 -4.93
C LYS A 25 -7.53 13.92 -6.17
N GLN A 26 -8.14 13.31 -7.19
CA GLN A 26 -8.41 14.06 -8.41
C GLN A 26 -9.50 15.13 -8.27
N LEU A 27 -10.04 15.27 -7.07
CA LEU A 27 -11.07 16.28 -6.80
C LEU A 27 -10.43 17.55 -6.18
N GLY A 28 -9.13 17.50 -5.95
CA GLY A 28 -8.45 18.65 -5.35
C GLY A 28 -6.96 18.65 -5.61
N ASP A 29 -6.23 19.36 -4.78
CA ASP A 29 -4.79 19.47 -4.91
C ASP A 29 -4.07 18.80 -3.76
N TYR A 30 -4.81 18.56 -2.70
CA TYR A 30 -4.21 18.00 -1.52
C TYR A 30 -5.25 17.09 -0.83
N LEU A 31 -4.85 15.85 -0.51
CA LEU A 31 -5.73 14.87 0.12
C LEU A 31 -5.30 14.48 1.53
N VAL A 32 -6.19 14.70 2.49
CA VAL A 32 -5.97 14.36 3.88
C VAL A 32 -6.85 13.14 4.16
N VAL A 33 -6.28 12.10 4.77
CA VAL A 33 -7.03 10.89 5.10
C VAL A 33 -7.09 10.74 6.60
N ALA A 34 -8.29 10.74 7.15
CA ALA A 34 -8.46 10.58 8.58
C ALA A 34 -8.76 9.08 8.81
N ILE A 35 -7.91 8.39 9.56
CA ILE A 35 -8.13 6.97 9.80
C ILE A 35 -8.42 6.63 11.27
N SER A 36 -9.34 5.68 11.48
CA SER A 36 -9.70 5.26 12.83
C SER A 36 -8.53 4.82 13.66
N THR A 37 -8.46 5.37 14.87
CA THR A 37 -7.43 5.02 15.82
C THR A 37 -7.83 3.65 16.38
N ASP A 38 -6.92 2.99 17.08
CA ASP A 38 -7.26 1.70 17.64
C ASP A 38 -8.29 1.86 18.77
N GLU A 39 -8.25 2.98 19.49
CA GLU A 39 -9.21 3.23 20.57
C GLU A 39 -10.62 3.39 20.00
N PHE A 40 -10.73 4.09 18.88
CA PHE A 40 -12.01 4.32 18.26
C PHE A 40 -12.52 2.99 17.75
N ASN A 41 -11.62 2.20 17.17
CA ASN A 41 -11.99 0.86 16.69
C ASN A 41 -12.52 -0.02 17.85
N LEU A 42 -11.91 0.09 19.01
CA LEU A 42 -12.39 -0.70 20.14
C LEU A 42 -13.82 -0.24 20.43
N GLN A 43 -14.04 1.07 20.40
CA GLN A 43 -15.35 1.65 20.64
C GLN A 43 -16.37 1.19 19.60
N LYS A 44 -15.92 0.99 18.38
CA LYS A 44 -16.80 0.51 17.32
C LYS A 44 -16.88 -1.02 17.30
N GLN A 45 -16.10 -1.69 18.16
CA GLN A 45 -16.02 -3.15 18.24
C GLN A 45 -15.66 -3.78 16.89
N LYS A 46 -14.83 -3.04 16.16
CA LYS A 46 -14.35 -3.39 14.82
C LYS A 46 -12.84 -3.32 14.90
N LYS A 47 -12.23 -4.43 15.27
CA LYS A 47 -10.80 -4.51 15.41
C LYS A 47 -10.06 -4.69 14.07
N ALA A 48 -9.06 -3.83 13.84
CA ALA A 48 -8.26 -3.85 12.63
C ALA A 48 -7.08 -4.79 12.79
N TYR A 49 -6.71 -5.47 11.72
CA TYR A 49 -5.58 -6.37 11.82
C TYR A 49 -4.33 -5.53 12.09
N HIS A 50 -4.10 -4.49 11.30
CA HIS A 50 -2.92 -3.62 11.49
C HIS A 50 -3.22 -2.48 12.44
N SER A 51 -2.22 -2.12 13.23
CA SER A 51 -2.36 -1.03 14.18
C SER A 51 -2.50 0.32 13.47
N TYR A 52 -2.92 1.32 14.22
CA TYR A 52 -3.07 2.66 13.69
C TYR A 52 -1.73 3.14 13.16
N GLU A 53 -0.66 2.93 13.92
CA GLU A 53 0.66 3.34 13.49
C GLU A 53 1.10 2.70 12.18
N HIS A 54 0.77 1.43 11.99
CA HIS A 54 1.15 0.78 10.75
C HIS A 54 0.26 1.09 9.59
N ARG A 55 -1.02 1.36 9.85
CA ARG A 55 -1.97 1.72 8.80
C ARG A 55 -1.63 3.13 8.26
N LYS A 56 -1.23 4.02 9.15
CA LYS A 56 -0.85 5.39 8.83
C LYS A 56 0.44 5.38 8.02
N LEU A 57 1.42 4.64 8.51
CA LEU A 57 2.72 4.47 7.88
C LEU A 57 2.57 4.03 6.42
N ILE A 58 1.74 3.02 6.19
CA ILE A 58 1.52 2.53 4.85
C ILE A 58 0.75 3.55 4.01
N LEU A 59 -0.22 4.22 4.60
CA LEU A 59 -0.99 5.22 3.83
C LEU A 59 -0.13 6.41 3.39
N GLU A 60 0.83 6.77 4.22
CA GLU A 60 1.70 7.88 3.91
C GLU A 60 2.63 7.62 2.72
N THR A 61 2.76 6.37 2.28
CA THR A 61 3.62 6.05 1.13
C THR A 61 2.86 6.01 -0.19
N ILE A 62 1.53 6.09 -0.12
CA ILE A 62 0.70 6.08 -1.34
C ILE A 62 0.86 7.47 -1.95
N ARG A 63 1.14 7.51 -3.25
CA ARG A 63 1.33 8.78 -3.95
C ARG A 63 0.24 9.80 -3.79
N TYR A 64 -1.00 9.34 -3.73
CA TYR A 64 -2.18 10.20 -3.63
C TYR A 64 -2.40 10.87 -2.27
N VAL A 65 -1.82 10.30 -1.24
CA VAL A 65 -2.06 10.81 0.09
C VAL A 65 -1.08 11.87 0.52
N ASP A 66 -1.60 13.03 0.92
CA ASP A 66 -0.75 14.13 1.34
C ASP A 66 -0.55 14.20 2.82
N GLU A 67 -1.59 13.84 3.56
CA GLU A 67 -1.52 13.90 5.00
C GLU A 67 -2.49 12.89 5.58
N VAL A 68 -2.15 12.34 6.75
CA VAL A 68 -2.97 11.36 7.47
C VAL A 68 -3.20 11.87 8.90
N ILE A 69 -4.45 11.98 9.33
CA ILE A 69 -4.74 12.44 10.70
C ILE A 69 -5.56 11.37 11.41
N PRO A 70 -5.62 11.40 12.74
CA PRO A 70 -6.39 10.37 13.43
C PRO A 70 -7.89 10.65 13.49
N GLU A 71 -8.71 9.61 13.31
CA GLU A 71 -10.16 9.76 13.46
C GLU A 71 -10.42 9.11 14.83
N LYS A 72 -10.80 9.92 15.82
CA LYS A 72 -11.01 9.46 17.18
C LYS A 72 -12.44 9.25 17.62
N ASN A 73 -13.37 9.91 16.95
CA ASN A 73 -14.79 9.81 17.30
C ASN A 73 -15.67 10.20 16.13
N TRP A 74 -16.98 10.00 16.27
CA TRP A 74 -17.95 10.31 15.22
C TRP A 74 -18.25 11.80 15.06
N GLU A 75 -18.09 12.55 16.13
CA GLU A 75 -18.41 13.98 16.13
C GLU A 75 -17.37 14.94 15.60
N GLN A 76 -16.14 14.48 15.37
CA GLN A 76 -15.10 15.37 14.91
C GLN A 76 -15.16 15.95 13.50
N LYS A 77 -15.99 15.40 12.63
CA LYS A 77 -16.05 15.87 11.25
C LYS A 77 -16.18 17.37 10.95
N LYS A 78 -17.11 18.07 11.59
CA LYS A 78 -17.27 19.49 11.33
C LYS A 78 -16.03 20.32 11.70
N GLN A 79 -15.39 20.00 12.82
CA GLN A 79 -14.22 20.73 13.25
C GLN A 79 -13.00 20.41 12.39
N ASP A 80 -12.93 19.20 11.85
CA ASP A 80 -11.83 18.82 10.98
C ASP A 80 -11.88 19.67 9.73
N ILE A 81 -13.08 19.82 9.17
CA ILE A 81 -13.32 20.62 7.97
C ILE A 81 -12.85 22.06 8.24
N ILE A 82 -13.04 22.54 9.46
CA ILE A 82 -12.61 23.87 9.88
C ILE A 82 -11.11 23.89 10.12
N ASP A 83 -10.64 23.02 10.99
CA ASP A 83 -9.22 22.92 11.30
C ASP A 83 -8.27 22.72 10.11
N HIS A 84 -8.68 21.97 9.10
CA HIS A 84 -7.82 21.70 7.97
C HIS A 84 -8.20 22.43 6.71
N ASN A 85 -9.14 23.35 6.85
CA ASN A 85 -9.64 24.16 5.74
C ASN A 85 -9.99 23.33 4.54
N ILE A 86 -10.85 22.34 4.78
CA ILE A 86 -11.28 21.42 3.75
C ILE A 86 -12.29 22.03 2.77
N ASP A 87 -12.10 21.77 1.49
CA ASP A 87 -12.99 22.27 0.44
C ASP A 87 -13.90 21.17 -0.08
N VAL A 88 -13.40 19.94 -0.09
CA VAL A 88 -14.16 18.79 -0.59
C VAL A 88 -14.13 17.66 0.45
N PHE A 89 -15.30 17.10 0.75
CA PHE A 89 -15.43 15.98 1.69
C PHE A 89 -15.90 14.79 0.85
N VAL A 90 -15.13 13.70 0.86
CA VAL A 90 -15.49 12.52 0.07
C VAL A 90 -15.70 11.29 0.92
N MET A 91 -16.77 10.54 0.63
CA MET A 91 -17.11 9.30 1.34
C MET A 91 -17.68 8.32 0.33
N GLY A 92 -17.71 7.04 0.70
CA GLY A 92 -18.24 6.04 -0.21
C GLY A 92 -19.73 6.28 -0.26
N ASP A 93 -20.37 5.91 -1.36
CA ASP A 93 -21.81 6.13 -1.48
C ASP A 93 -22.66 5.31 -0.51
N ASP A 94 -22.01 4.43 0.25
CA ASP A 94 -22.71 3.65 1.26
C ASP A 94 -23.03 4.56 2.45
N TRP A 95 -22.60 5.83 2.34
CA TRP A 95 -22.82 6.87 3.34
C TRP A 95 -23.66 7.98 2.73
N GLU A 96 -24.10 7.75 1.51
CA GLU A 96 -24.91 8.69 0.75
C GLU A 96 -26.00 9.34 1.58
N GLY A 97 -25.87 10.65 1.80
CA GLY A 97 -26.87 11.37 2.58
C GLY A 97 -26.67 11.55 4.08
N LYS A 98 -25.75 10.78 4.66
CA LYS A 98 -25.48 10.86 6.09
C LYS A 98 -24.73 12.13 6.51
N PHE A 99 -23.90 12.65 5.61
CA PHE A 99 -23.12 13.83 5.94
C PHE A 99 -23.50 15.07 5.15
N ASP A 100 -24.74 15.10 4.65
CA ASP A 100 -25.19 16.24 3.86
C ASP A 100 -25.27 17.53 4.64
N PHE A 101 -25.12 17.45 5.96
CA PHE A 101 -25.16 18.65 6.80
C PHE A 101 -23.87 19.47 6.75
N LEU A 102 -22.84 18.90 6.13
CA LEU A 102 -21.56 19.59 5.97
C LEU A 102 -21.55 20.42 4.69
N LYS A 103 -22.62 20.34 3.92
CA LYS A 103 -22.74 21.06 2.68
C LYS A 103 -22.70 22.58 2.74
N ASP A 104 -22.93 23.16 3.90
CA ASP A 104 -22.87 24.62 3.99
C ASP A 104 -21.43 25.02 4.27
N GLN A 105 -20.55 24.05 4.45
CA GLN A 105 -19.16 24.35 4.73
C GLN A 105 -18.21 23.95 3.62
N CYS A 106 -18.60 22.96 2.83
CA CYS A 106 -17.75 22.48 1.76
C CYS A 106 -18.52 21.60 0.82
N GLU A 107 -17.90 21.17 -0.27
CA GLU A 107 -18.57 20.27 -1.20
C GLU A 107 -18.51 18.87 -0.60
N VAL A 108 -19.62 18.14 -0.73
CA VAL A 108 -19.72 16.77 -0.23
C VAL A 108 -19.93 15.87 -1.44
N VAL A 109 -19.06 14.88 -1.61
CA VAL A 109 -19.12 13.97 -2.75
C VAL A 109 -19.11 12.51 -2.29
N TYR A 110 -20.03 11.71 -2.81
CA TYR A 110 -20.14 10.28 -2.48
C TYR A 110 -19.70 9.52 -3.71
N LEU A 111 -18.61 8.77 -3.58
CA LEU A 111 -18.09 8.00 -4.70
C LEU A 111 -18.51 6.52 -4.60
N PRO A 112 -18.86 5.93 -5.74
CA PRO A 112 -19.26 4.52 -5.70
C PRO A 112 -18.11 3.61 -5.32
N ARG A 113 -18.39 2.66 -4.44
CA ARG A 113 -17.38 1.70 -4.00
C ARG A 113 -16.99 0.80 -5.16
N THR A 114 -15.84 0.16 -5.01
CA THR A 114 -15.34 -0.80 -6.00
C THR A 114 -15.96 -2.15 -5.67
N GLU A 115 -16.65 -2.74 -6.65
CA GLU A 115 -17.30 -4.03 -6.47
C GLU A 115 -16.34 -5.21 -6.35
N GLY A 116 -16.79 -6.23 -5.60
CA GLY A 116 -16.02 -7.46 -5.43
C GLY A 116 -14.82 -7.48 -4.52
N ILE A 117 -14.66 -6.46 -3.67
CA ILE A 117 -13.52 -6.41 -2.77
C ILE A 117 -13.79 -5.56 -1.53
N SER A 118 -13.37 -6.07 -0.37
CA SER A 118 -13.49 -5.35 0.89
C SER A 118 -12.60 -6.02 1.90
N THR A 119 -12.32 -5.32 2.97
CA THR A 119 -11.48 -5.87 4.01
C THR A 119 -12.12 -7.09 4.73
N THR A 120 -13.44 -7.10 4.93
CA THR A 120 -14.01 -8.28 5.61
C THR A 120 -13.97 -9.53 4.74
N LYS A 121 -14.22 -9.36 3.44
CA LYS A 121 -14.20 -10.50 2.53
C LYS A 121 -12.82 -11.12 2.52
N ILE A 122 -11.79 -10.28 2.57
CA ILE A 122 -10.42 -10.77 2.57
C ILE A 122 -10.27 -11.64 3.81
N LYS A 123 -10.72 -11.11 4.95
CA LYS A 123 -10.64 -11.83 6.23
C LYS A 123 -11.48 -13.10 6.25
N GLU A 124 -12.64 -13.04 5.60
CA GLU A 124 -13.54 -14.19 5.51
C GLU A 124 -12.96 -15.26 4.60
N GLU A 125 -12.29 -14.82 3.53
CA GLU A 125 -11.69 -15.76 2.60
C GLU A 125 -10.30 -16.23 3.04
N ILE A 126 -9.94 -15.94 4.29
CA ILE A 126 -8.66 -16.35 4.85
C ILE A 126 -8.90 -16.97 6.24
N MET B 1 22.22 7.42 -13.90
CA MET B 1 21.11 6.94 -13.03
C MET B 1 21.38 5.56 -12.41
N LYS B 2 21.39 5.51 -11.09
CA LYS B 2 21.65 4.28 -10.37
C LYS B 2 20.34 3.48 -10.16
N LYS B 3 20.17 2.39 -10.92
CA LYS B 3 18.98 1.56 -10.85
C LYS B 3 19.10 0.40 -9.89
N VAL B 4 18.04 0.19 -9.13
CA VAL B 4 17.97 -0.88 -8.13
C VAL B 4 16.87 -1.87 -8.50
N ILE B 5 17.04 -3.15 -8.17
CA ILE B 5 15.98 -4.14 -8.43
C ILE B 5 15.82 -5.03 -7.20
N THR B 6 14.62 -5.53 -6.98
CA THR B 6 14.33 -6.42 -5.86
C THR B 6 13.17 -7.35 -6.31
N TYR B 7 13.12 -8.55 -5.75
CA TYR B 7 12.10 -9.53 -6.13
C TYR B 7 11.28 -9.97 -4.93
N GLY B 8 10.02 -10.32 -5.19
CA GLY B 8 9.16 -10.75 -4.11
C GLY B 8 7.72 -10.95 -4.58
N THR B 9 6.84 -11.27 -3.65
CA THR B 9 5.44 -11.50 -3.99
C THR B 9 4.59 -10.29 -3.63
N PHE B 10 4.87 -9.69 -2.47
CA PHE B 10 4.17 -8.50 -1.99
C PHE B 10 2.66 -8.71 -2.07
N ASP B 11 2.19 -9.78 -1.43
CA ASP B 11 0.78 -10.12 -1.46
C ASP B 11 -0.16 -9.29 -0.54
N LEU B 12 0.02 -9.37 0.77
CA LEU B 12 -0.82 -8.60 1.66
C LEU B 12 0.14 -7.55 2.19
N LEU B 13 0.29 -6.47 1.41
CA LEU B 13 1.21 -5.39 1.72
C LEU B 13 1.18 -4.93 3.18
N HIS B 14 2.33 -5.03 3.85
CA HIS B 14 2.46 -4.64 5.24
C HIS B 14 3.69 -3.73 5.44
N TRP B 15 3.87 -3.22 6.65
CA TRP B 15 4.97 -2.35 6.98
C TRP B 15 6.37 -2.95 6.78
N GLY B 16 6.47 -4.28 6.78
CA GLY B 16 7.77 -4.90 6.56
C GLY B 16 8.14 -4.69 5.09
N HIS B 17 7.15 -4.84 4.23
CA HIS B 17 7.35 -4.65 2.80
C HIS B 17 7.75 -3.21 2.55
N ILE B 18 7.05 -2.27 3.22
CA ILE B 18 7.31 -0.84 3.05
C ILE B 18 8.74 -0.45 3.43
N LYS B 19 9.19 -0.95 4.58
CA LYS B 19 10.55 -0.69 5.05
C LYS B 19 11.63 -1.23 4.10
N LEU B 20 11.33 -2.34 3.45
CA LEU B 20 12.26 -2.92 2.51
C LEU B 20 12.32 -1.99 1.32
N LEU B 21 11.16 -1.60 0.80
CA LEU B 21 11.10 -0.73 -0.36
C LEU B 21 11.76 0.60 -0.09
N GLU B 22 11.61 1.07 1.12
CA GLU B 22 12.18 2.33 1.52
C GLU B 22 13.70 2.26 1.47
N ARG B 23 14.25 1.24 2.11
CA ARG B 23 15.68 1.04 2.14
C ARG B 23 16.28 0.71 0.76
N ALA B 24 15.57 -0.06 -0.06
CA ALA B 24 16.07 -0.40 -1.39
C ALA B 24 16.16 0.86 -2.26
N LYS B 25 15.13 1.70 -2.19
CA LYS B 25 15.10 2.91 -2.97
C LYS B 25 16.25 3.83 -2.57
N GLN B 26 16.57 3.89 -1.28
CA GLN B 26 17.65 4.78 -0.87
C GLN B 26 19.05 4.33 -1.31
N LEU B 27 19.13 3.22 -2.03
CA LEU B 27 20.40 2.71 -2.54
C LEU B 27 20.61 3.15 -4.00
N GLY B 28 19.64 3.85 -4.57
CA GLY B 28 19.78 4.29 -5.94
C GLY B 28 18.88 5.46 -6.28
N ASP B 29 18.57 5.62 -7.55
CA ASP B 29 17.71 6.72 -7.98
C ASP B 29 16.42 6.20 -8.56
N TYR B 30 16.39 4.92 -8.88
CA TYR B 30 15.25 4.35 -9.53
C TYR B 30 15.11 2.91 -9.04
N LEU B 31 13.91 2.54 -8.59
CA LEU B 31 13.63 1.20 -8.06
C LEU B 31 12.66 0.42 -8.91
N VAL B 32 13.09 -0.76 -9.36
CA VAL B 32 12.28 -1.66 -10.16
C VAL B 32 11.95 -2.85 -9.23
N VAL B 33 10.68 -3.23 -9.15
CA VAL B 33 10.29 -4.37 -8.32
C VAL B 33 9.73 -5.45 -9.23
N ALA B 34 10.35 -6.62 -9.20
CA ALA B 34 9.88 -7.72 -10.02
C ALA B 34 9.01 -8.58 -9.08
N ILE B 35 7.73 -8.78 -9.43
CA ILE B 35 6.85 -9.57 -8.57
C ILE B 35 6.34 -10.84 -9.23
N SER B 36 6.27 -11.91 -8.44
CA SER B 36 5.78 -13.21 -8.94
C SER B 36 4.42 -13.15 -9.61
N THR B 37 4.36 -13.71 -10.80
CA THR B 37 3.13 -13.80 -11.56
C THR B 37 2.31 -14.92 -10.90
N ASP B 38 1.06 -15.05 -11.27
CA ASP B 38 0.25 -16.09 -10.66
C ASP B 38 0.65 -17.47 -11.15
N GLU B 39 1.16 -17.54 -12.36
CA GLU B 39 1.60 -18.81 -12.92
C GLU B 39 2.86 -19.26 -12.19
N PHE B 40 3.72 -18.32 -11.85
CA PHE B 40 4.96 -18.64 -11.17
C PHE B 40 4.64 -19.05 -9.74
N ASN B 41 3.74 -18.34 -9.09
CA ASN B 41 3.35 -18.70 -7.72
C ASN B 41 2.82 -20.15 -7.68
N LEU B 42 2.03 -20.51 -8.67
CA LEU B 42 1.48 -21.86 -8.76
C LEU B 42 2.68 -22.82 -8.83
N GLN B 43 3.71 -22.47 -9.61
CA GLN B 43 4.89 -23.32 -9.72
C GLN B 43 5.58 -23.44 -8.37
N LYS B 44 5.53 -22.39 -7.59
CA LYS B 44 6.14 -22.42 -6.28
C LYS B 44 5.17 -22.97 -5.23
N GLN B 45 3.96 -23.34 -5.67
CA GLN B 45 2.92 -23.84 -4.77
C GLN B 45 2.73 -22.90 -3.60
N LYS B 46 2.72 -21.61 -3.92
CA LYS B 46 2.59 -20.51 -2.98
C LYS B 46 1.54 -19.57 -3.55
N LYS B 47 0.27 -19.86 -3.34
CA LYS B 47 -0.82 -19.03 -3.87
C LYS B 47 -1.00 -17.71 -3.09
N ALA B 48 -1.03 -16.60 -3.83
CA ALA B 48 -1.19 -15.26 -3.28
C ALA B 48 -2.66 -14.90 -3.15
N TYR B 49 -3.02 -14.20 -2.09
CA TYR B 49 -4.42 -13.82 -1.97
C TYR B 49 -4.79 -12.88 -3.14
N HIS B 50 -4.00 -11.82 -3.36
CA HIS B 50 -4.27 -10.87 -4.45
C HIS B 50 -3.61 -11.29 -5.75
N SER B 51 -4.31 -11.08 -6.84
CA SER B 51 -3.79 -11.42 -8.15
C SER B 51 -2.56 -10.57 -8.51
N TYR B 52 -1.85 -11.00 -9.55
CA TYR B 52 -0.68 -10.29 -10.03
C TYR B 52 -1.09 -8.87 -10.43
N GLU B 53 -2.19 -8.74 -11.17
CA GLU B 53 -2.65 -7.43 -11.59
C GLU B 53 -2.94 -6.51 -10.42
N HIS B 54 -3.50 -7.04 -9.35
CA HIS B 54 -3.79 -6.18 -8.22
C HIS B 54 -2.60 -5.89 -7.36
N ARG B 55 -1.68 -6.84 -7.26
CA ARG B 55 -0.46 -6.64 -6.48
C ARG B 55 0.42 -5.57 -7.16
N LYS B 56 0.48 -5.61 -8.49
CA LYS B 56 1.25 -4.67 -9.30
C LYS B 56 0.63 -3.26 -9.15
N LEU B 57 -0.69 -3.19 -9.33
CA LEU B 57 -1.47 -1.97 -9.22
C LEU B 57 -1.19 -1.24 -7.91
N ILE B 58 -1.23 -1.98 -6.81
CA ILE B 58 -0.98 -1.40 -5.50
C ILE B 58 0.48 -0.99 -5.35
N LEU B 59 1.40 -1.81 -5.86
CA LEU B 59 2.82 -1.48 -5.75
C LEU B 59 3.18 -0.20 -6.51
N GLU B 60 2.52 0.01 -7.64
CA GLU B 60 2.75 1.17 -8.45
C GLU B 60 2.33 2.49 -7.81
N THR B 61 1.58 2.44 -6.71
CA THR B 61 1.16 3.67 -6.04
C THR B 61 2.09 4.01 -4.88
N ILE B 62 3.01 3.11 -4.52
CA ILE B 62 3.94 3.38 -3.42
C ILE B 62 4.97 4.37 -3.96
N ARG B 63 5.23 5.43 -3.21
CA ARG B 63 6.17 6.46 -3.64
C ARG B 63 7.53 5.98 -4.08
N TYR B 64 8.04 4.97 -3.38
CA TYR B 64 9.36 4.41 -3.63
C TYR B 64 9.54 3.59 -4.91
N VAL B 65 8.44 3.08 -5.43
CA VAL B 65 8.49 2.22 -6.58
C VAL B 65 8.40 2.96 -7.89
N ASP B 66 9.39 2.74 -8.75
CA ASP B 66 9.42 3.40 -10.04
C ASP B 66 8.85 2.58 -11.14
N GLU B 67 9.06 1.28 -11.06
CA GLU B 67 8.60 0.38 -12.11
C GLU B 67 8.40 -0.99 -11.52
N VAL B 68 7.42 -1.72 -12.05
CA VAL B 68 7.09 -3.09 -11.61
C VAL B 68 7.11 -4.00 -12.83
N ILE B 69 7.86 -5.10 -12.75
CA ILE B 69 7.93 -6.04 -13.88
C ILE B 69 7.54 -7.44 -13.39
N PRO B 70 7.17 -8.33 -14.31
CA PRO B 70 6.78 -9.67 -13.85
C PRO B 70 7.95 -10.61 -13.57
N GLU B 71 7.87 -11.40 -12.52
CA GLU B 71 8.90 -12.40 -12.22
C GLU B 71 8.19 -13.69 -12.62
N LYS B 72 8.66 -14.31 -13.70
CA LYS B 72 8.05 -15.52 -14.24
C LYS B 72 8.74 -16.85 -13.93
N ASN B 73 10.02 -16.80 -13.58
CA ASN B 73 10.78 -18.01 -13.27
C ASN B 73 12.01 -17.69 -12.46
N TRP B 74 12.69 -18.73 -11.99
CA TRP B 74 13.87 -18.60 -11.14
C TRP B 74 15.09 -18.11 -11.88
N GLU B 75 15.20 -18.54 -13.13
CA GLU B 75 16.33 -18.22 -13.97
C GLU B 75 16.49 -16.81 -14.57
N GLN B 76 15.42 -16.03 -14.62
CA GLN B 76 15.48 -14.71 -15.25
C GLN B 76 16.36 -13.60 -14.65
N LYS B 77 16.85 -13.77 -13.43
CA LYS B 77 17.63 -12.73 -12.77
C LYS B 77 18.82 -12.09 -13.52
N LYS B 78 19.69 -12.90 -14.11
CA LYS B 78 20.85 -12.36 -14.82
C LYS B 78 20.46 -11.49 -16.02
N GLN B 79 19.47 -11.93 -16.79
CA GLN B 79 19.02 -11.18 -17.94
C GLN B 79 18.28 -9.90 -17.54
N ASP B 80 17.61 -9.92 -16.40
CA ASP B 80 16.90 -8.73 -15.91
C ASP B 80 17.92 -7.64 -15.61
N ILE B 81 19.00 -8.03 -14.95
CA ILE B 81 20.06 -7.11 -14.58
C ILE B 81 20.62 -6.44 -15.86
N ILE B 82 20.72 -7.21 -16.93
CA ILE B 82 21.21 -6.72 -18.20
C ILE B 82 20.15 -5.89 -18.91
N ASP B 83 18.96 -6.46 -19.06
CA ASP B 83 17.85 -5.77 -19.72
C ASP B 83 17.51 -4.41 -19.12
N HIS B 84 17.50 -4.33 -17.80
CA HIS B 84 17.15 -3.07 -17.13
C HIS B 84 18.31 -2.21 -16.68
N ASN B 85 19.53 -2.63 -17.00
CA ASN B 85 20.76 -1.93 -16.61
C ASN B 85 20.79 -1.64 -15.11
N ILE B 86 20.62 -2.71 -14.35
CA ILE B 86 20.59 -2.64 -12.90
C ILE B 86 21.99 -2.45 -12.31
N ASP B 87 22.11 -1.51 -11.37
CA ASP B 87 23.37 -1.23 -10.71
C ASP B 87 23.40 -1.86 -9.32
N VAL B 88 22.23 -2.01 -8.70
CA VAL B 88 22.14 -2.60 -7.35
C VAL B 88 21.04 -3.64 -7.32
N PHE B 89 21.34 -4.81 -6.75
CA PHE B 89 20.39 -5.93 -6.61
C PHE B 89 20.17 -6.08 -5.12
N VAL B 90 18.92 -5.96 -4.66
CA VAL B 90 18.63 -6.08 -3.22
C VAL B 90 17.68 -7.20 -2.91
N MET B 91 18.01 -7.98 -1.88
CA MET B 91 17.19 -9.10 -1.41
C MET B 91 17.21 -9.15 0.11
N GLY B 92 16.25 -9.84 0.71
CA GLY B 92 16.25 -9.94 2.14
C GLY B 92 17.41 -10.81 2.52
N ASP B 93 17.95 -10.63 3.72
CA ASP B 93 19.10 -11.43 4.15
C ASP B 93 18.84 -12.93 4.34
N ASP B 94 17.60 -13.36 4.15
CA ASP B 94 17.29 -14.77 4.26
C ASP B 94 17.76 -15.47 2.98
N TRP B 95 18.27 -14.68 2.03
CA TRP B 95 18.78 -15.15 0.74
C TRP B 95 20.30 -14.94 0.68
N GLU B 96 20.85 -14.49 1.80
CA GLU B 96 22.27 -14.23 2.00
C GLU B 96 23.20 -15.26 1.36
N GLY B 97 23.92 -14.82 0.33
CA GLY B 97 24.87 -15.69 -0.35
C GLY B 97 24.37 -16.42 -1.59
N LYS B 98 23.05 -16.51 -1.76
CA LYS B 98 22.45 -17.20 -2.90
C LYS B 98 22.69 -16.52 -4.24
N PHE B 99 22.68 -15.19 -4.23
CA PHE B 99 22.86 -14.46 -5.48
C PHE B 99 24.22 -13.77 -5.61
N ASP B 100 25.22 -14.26 -4.89
CA ASP B 100 26.56 -13.69 -4.98
C ASP B 100 27.19 -13.86 -6.35
N PHE B 101 26.62 -14.71 -7.19
CA PHE B 101 27.16 -14.89 -8.54
C PHE B 101 26.88 -13.68 -9.46
N LEU B 102 26.01 -12.78 -8.99
CA LEU B 102 25.67 -11.58 -9.75
C LEU B 102 26.62 -10.43 -9.45
N LYS B 103 27.53 -10.62 -8.50
CA LYS B 103 28.43 -9.55 -8.13
C LYS B 103 29.42 -9.07 -9.19
N ASP B 104 29.59 -9.85 -10.25
CA ASP B 104 30.47 -9.39 -11.29
C ASP B 104 29.69 -8.46 -12.24
N GLN B 105 28.37 -8.33 -12.02
CA GLN B 105 27.55 -7.49 -12.87
C GLN B 105 26.97 -6.27 -12.18
N CYS B 106 26.81 -6.31 -10.86
CA CYS B 106 26.23 -5.18 -10.14
C CYS B 106 26.49 -5.39 -8.66
N GLU B 107 26.15 -4.41 -7.83
CA GLU B 107 26.34 -4.58 -6.39
C GLU B 107 25.16 -5.39 -5.86
N VAL B 108 25.43 -6.37 -5.01
CA VAL B 108 24.42 -7.24 -4.40
C VAL B 108 24.34 -6.89 -2.92
N VAL B 109 23.15 -6.53 -2.46
CA VAL B 109 22.96 -6.13 -1.06
C VAL B 109 21.82 -6.93 -0.40
N TYR B 110 22.09 -7.48 0.78
CA TYR B 110 21.09 -8.25 1.54
C TYR B 110 20.66 -7.40 2.72
N LEU B 111 19.38 -7.03 2.76
CA LEU B 111 18.87 -6.21 3.85
C LEU B 111 18.15 -7.06 4.89
N PRO B 112 18.38 -6.76 6.17
CA PRO B 112 17.70 -7.54 7.20
C PRO B 112 16.19 -7.31 7.15
N ARG B 113 15.44 -8.40 7.28
CA ARG B 113 13.98 -8.35 7.29
C ARG B 113 13.48 -7.64 8.55
N THR B 114 12.23 -7.18 8.48
CA THR B 114 11.58 -6.53 9.60
C THR B 114 10.98 -7.63 10.49
N GLU B 115 11.37 -7.63 11.76
CA GLU B 115 10.89 -8.62 12.71
C GLU B 115 9.42 -8.48 13.11
N GLY B 116 8.81 -9.63 13.41
CA GLY B 116 7.42 -9.65 13.84
C GLY B 116 6.32 -9.47 12.83
N ILE B 117 6.63 -9.57 11.54
CA ILE B 117 5.59 -9.40 10.50
C ILE B 117 5.93 -10.10 9.19
N SER B 118 4.94 -10.77 8.63
CA SER B 118 5.10 -11.45 7.36
C SER B 118 3.72 -11.75 6.84
N THR B 119 3.65 -12.05 5.55
CA THR B 119 2.39 -12.37 4.93
C THR B 119 1.77 -13.68 5.45
N THR B 120 2.57 -14.70 5.77
CA THR B 120 1.96 -15.94 6.27
C THR B 120 1.38 -15.76 7.67
N LYS B 121 2.07 -15.03 8.52
CA LYS B 121 1.59 -14.77 9.88
C LYS B 121 0.25 -14.07 9.84
N ILE B 122 0.10 -13.13 8.91
CA ILE B 122 -1.14 -12.40 8.76
C ILE B 122 -2.23 -13.42 8.45
N LYS B 123 -1.95 -14.28 7.47
CA LYS B 123 -2.89 -15.32 7.07
C LYS B 123 -3.18 -16.33 8.19
N GLU B 124 -2.15 -16.66 8.97
CA GLU B 124 -2.29 -17.59 10.07
C GLU B 124 -3.09 -16.98 11.21
N GLU B 125 -2.89 -15.68 11.43
CA GLU B 125 -3.61 -14.98 12.46
C GLU B 125 -5.01 -14.52 12.01
N ILE B 126 -5.46 -15.00 10.86
CA ILE B 126 -6.78 -14.67 10.33
C ILE B 126 -7.47 -15.97 9.87
#